data_4KMP
#
_entry.id   4KMP
#
_cell.length_a   32.016
_cell.length_b   33.281
_cell.length_c   48.002
_cell.angle_alpha   77.97
_cell.angle_beta   70.54
_cell.angle_gamma   61.28
#
_symmetry.space_group_name_H-M   'P 1'
#
loop_
_entity.id
_entity.type
_entity.pdbx_description
1 polymer 'E3 ubiquitin-protein ligase XIAP'
2 non-polymer 'ZINC ION'
3 non-polymer "(2S,2'S)-N,N'-[(6,6'-difluoro-1H,1'H-2,2'-biindole-3,3'-diyl)bis{methanediyl[(2R,4S)-4-hydroxypyrrolidine-2,1-diyl][(2S)-1-oxobutane-1,2-diyl]}]bis[2-(methylamino)propanamide]"
4 water water
#
_entity_poly.entity_id   1
_entity_poly.type   'polypeptide(L)'
_entity_poly.pdbx_seq_one_letter_code
;ADSHMLPRNPSMADYEARIFTFGTWIYSVNKEQLARAGFYALGEGDKVKCFHCGGGLTDWKPSEDPWEQHAKWYPGCKYL
LEQKGQEYINNIHLTHSL
;
_entity_poly.pdbx_strand_id   A,B
#
loop_
_chem_comp.id
_chem_comp.type
_chem_comp.name
_chem_comp.formula
GT6 non-polymer (2S,2'S)-N,N'-[(6,6'-difluoro-1H,1'H-2,2'-biindole-3,3'-diyl)bis{methanediyl[(2R,4S)-4-hydroxypyrrolidine-2,1-diyl][(2S)-1-oxobutane-1,2-diyl]}]bis[2-(methylamino)propanamide] 'C42 H56 F2 N8 O6'
ZN non-polymer 'ZINC ION' 'Zn 2'
#
# COMPACT_ATOMS: atom_id res chain seq x y z
N ALA A 1 1.61 9.62 8.51
CA ALA A 1 0.40 10.37 8.17
C ALA A 1 0.55 11.82 8.56
N ASP A 2 0.35 12.74 7.62
CA ASP A 2 0.46 14.16 7.92
C ASP A 2 -0.87 14.91 7.87
N SER A 3 -1.31 15.42 9.02
CA SER A 3 -2.55 16.20 9.06
C SER A 3 -2.27 17.66 9.43
N HIS A 4 -0.99 18.02 9.35
CA HIS A 4 -0.45 19.34 9.66
C HIS A 4 -0.79 20.30 8.51
N MET A 5 -0.64 21.61 8.74
CA MET A 5 -0.84 22.60 7.68
C MET A 5 0.32 22.58 6.70
N LEU A 6 1.47 22.09 7.15
CA LEU A 6 2.66 22.08 6.32
C LEU A 6 2.62 20.85 5.43
N PRO A 7 2.73 21.05 4.12
CA PRO A 7 2.76 19.89 3.22
C PRO A 7 3.95 19.00 3.55
N ARG A 8 3.78 17.67 3.40
CA ARG A 8 4.89 16.75 3.60
C ARG A 8 5.94 16.93 2.50
N ASN A 9 5.49 17.08 1.27
CA ASN A 9 6.40 17.30 0.16
C ASN A 9 6.04 18.59 -0.54
N PRO A 10 6.44 19.73 0.05
CA PRO A 10 6.08 21.06 -0.43
C PRO A 10 6.54 21.28 -1.86
N SER A 11 7.57 20.55 -2.28
CA SER A 11 8.06 20.73 -3.63
C SER A 11 7.04 20.21 -4.65
N MET A 12 6.15 19.31 -4.22
CA MET A 12 5.08 18.87 -5.11
C MET A 12 3.79 19.68 -4.94
N ALA A 13 3.85 20.76 -4.18
CA ALA A 13 2.67 21.63 -4.12
C ALA A 13 2.46 22.27 -5.49
N ASP A 14 3.58 22.53 -6.18
CA ASP A 14 3.57 23.06 -7.54
C ASP A 14 2.79 22.13 -8.47
N TYR A 15 1.75 22.65 -9.13
CA TYR A 15 0.92 21.85 -10.02
C TYR A 15 1.69 21.32 -11.23
N GLU A 16 2.53 22.16 -11.83
CA GLU A 16 3.35 21.73 -12.97
C GLU A 16 4.20 20.53 -12.59
N ALA A 17 4.76 20.57 -11.39
CA ALA A 17 5.58 19.46 -10.90
C ALA A 17 4.77 18.16 -10.82
N ARG A 18 3.58 18.20 -10.24
CA ARG A 18 2.75 17.00 -10.16
C ARG A 18 2.39 16.48 -11.55
N ILE A 19 1.93 17.39 -12.41
CA ILE A 19 1.48 16.98 -13.74
C ILE A 19 2.64 16.42 -14.58
N PHE A 20 3.87 16.88 -14.32
CA PHE A 20 5.05 16.37 -15.01
C PHE A 20 5.16 14.85 -14.82
N THR A 21 4.91 14.41 -13.59
CA THR A 21 5.05 13.00 -13.25
C THR A 21 4.03 12.15 -13.99
N PHE A 22 2.97 12.78 -14.49
CA PHE A 22 1.97 12.05 -15.29
C PHE A 22 2.16 12.24 -16.78
N GLY A 23 3.35 12.68 -17.18
CA GLY A 23 3.67 12.91 -18.59
C GLY A 23 3.18 11.79 -19.50
N THR A 24 3.39 10.56 -19.06
CA THR A 24 2.71 9.41 -19.64
C THR A 24 2.07 8.70 -18.45
N TRP A 25 0.99 7.96 -18.70
CA TRP A 25 0.25 7.33 -17.61
C TRP A 25 -0.69 6.29 -18.24
N ILE A 26 -0.42 5.02 -18.01
CA ILE A 26 -1.11 3.97 -18.75
C ILE A 26 -2.32 3.42 -18.03
N TYR A 27 -2.63 3.96 -16.85
CA TYR A 27 -3.66 3.39 -15.99
C TYR A 27 -5.01 4.09 -16.16
N SER A 28 -6.07 3.45 -15.67
CA SER A 28 -7.42 3.86 -16.05
C SER A 28 -7.82 5.28 -15.63
N VAL A 29 -7.48 5.63 -14.39
CA VAL A 29 -7.90 6.89 -13.80
C VAL A 29 -7.30 8.12 -14.50
N ASN A 30 -8.09 9.19 -14.67
CA ASN A 30 -7.61 10.36 -15.42
C ASN A 30 -6.52 11.10 -14.67
N LYS A 31 -5.46 11.44 -15.38
CA LYS A 31 -4.29 12.06 -14.74
C LYS A 31 -4.49 13.50 -14.25
N GLU A 32 -5.33 14.27 -14.93
CA GLU A 32 -5.67 15.62 -14.46
C GLU A 32 -6.46 15.55 -13.16
N GLN A 33 -7.36 14.57 -13.05
CA GLN A 33 -8.08 14.36 -11.81
C GLN A 33 -7.11 14.01 -10.67
N LEU A 34 -6.20 13.09 -10.97
CA LEU A 34 -5.21 12.66 -9.99
C LEU A 34 -4.37 13.85 -9.53
N ALA A 35 -3.90 14.66 -10.48
CA ALA A 35 -3.06 15.79 -10.14
C ALA A 35 -3.78 16.83 -9.29
N ARG A 36 -5.03 17.14 -9.67
CA ARG A 36 -5.83 18.12 -8.94
C ARG A 36 -6.09 17.65 -7.51
N ALA A 37 -6.27 16.34 -7.35
CA ALA A 37 -6.55 15.76 -6.05
C ALA A 37 -5.30 15.70 -5.18
N GLY A 38 -4.20 16.26 -5.69
CA GLY A 38 -2.96 16.39 -4.94
C GLY A 38 -1.90 15.32 -5.16
N PHE A 39 -2.16 14.37 -6.06
CA PHE A 39 -1.24 13.26 -6.24
C PHE A 39 -0.16 13.53 -7.29
N TYR A 40 1.00 12.89 -7.14
CA TYR A 40 2.01 12.82 -8.20
C TYR A 40 2.45 11.36 -8.26
N ALA A 41 2.91 10.92 -9.42
CA ALA A 41 3.25 9.52 -9.64
C ALA A 41 4.69 9.23 -9.24
N LEU A 42 4.89 8.13 -8.52
CA LEU A 42 6.23 7.76 -8.06
C LEU A 42 7.10 7.22 -9.19
N GLY A 43 6.47 6.70 -10.22
CA GLY A 43 7.22 6.08 -11.30
C GLY A 43 7.39 4.60 -11.06
N GLU A 44 6.51 4.04 -10.24
CA GLU A 44 6.52 2.61 -9.92
C GLU A 44 5.10 2.06 -9.97
N GLY A 45 4.77 1.34 -11.04
CA GLY A 45 3.43 0.85 -11.25
C GLY A 45 2.49 2.04 -11.22
N ASP A 46 1.31 1.90 -10.61
CA ASP A 46 0.39 3.04 -10.53
C ASP A 46 0.42 3.79 -9.20
N LYS A 47 1.52 3.67 -8.46
CA LYS A 47 1.64 4.34 -7.19
C LYS A 47 1.67 5.84 -7.38
N VAL A 48 0.85 6.53 -6.58
CA VAL A 48 0.88 7.97 -6.48
C VAL A 48 0.89 8.34 -5.01
N LYS A 49 1.36 9.55 -4.73
CA LYS A 49 1.31 10.02 -3.34
C LYS A 49 0.79 11.44 -3.34
N CYS A 50 0.10 11.83 -2.26
CA CYS A 50 -0.32 13.22 -2.05
C CYS A 50 0.84 14.09 -1.60
N PHE A 51 1.00 15.26 -2.21
CA PHE A 51 2.08 16.15 -1.82
C PHE A 51 1.91 16.61 -0.38
N HIS A 52 0.66 16.67 0.08
CA HIS A 52 0.42 17.26 1.38
C HIS A 52 0.50 16.25 2.53
N CYS A 53 -0.40 15.27 2.54
CA CYS A 53 -0.44 14.29 3.64
C CYS A 53 0.59 13.17 3.45
N GLY A 54 1.13 13.07 2.24
CA GLY A 54 2.06 12.00 1.91
C GLY A 54 1.34 10.67 1.72
N GLY A 55 0.02 10.71 1.67
CA GLY A 55 -0.77 9.50 1.54
C GLY A 55 -0.58 8.87 0.17
N GLY A 56 -0.24 7.58 0.15
CA GLY A 56 -0.03 6.88 -1.10
C GLY A 56 -1.23 6.04 -1.50
N LEU A 57 -1.43 5.91 -2.81
CA LEU A 57 -2.52 5.12 -3.35
C LEU A 57 -2.01 4.35 -4.55
N THR A 58 -2.52 3.14 -4.73
CA THR A 58 -2.06 2.23 -5.78
C THR A 58 -3.14 1.18 -6.02
N ASP A 59 -3.00 0.38 -7.07
CA ASP A 59 -4.02 -0.61 -7.43
C ASP A 59 -5.36 0.07 -7.79
N TRP A 60 -5.29 1.12 -8.62
CA TRP A 60 -6.49 1.83 -9.04
C TRP A 60 -7.35 0.92 -9.89
N LYS A 61 -8.66 1.05 -9.73
CA LYS A 61 -9.60 0.29 -10.54
C LYS A 61 -10.44 1.24 -11.41
N PRO A 62 -10.87 0.77 -12.59
CA PRO A 62 -11.76 1.53 -13.47
C PRO A 62 -12.96 2.10 -12.70
N SER A 63 -13.30 3.36 -12.97
CA SER A 63 -14.40 4.11 -12.32
C SER A 63 -14.01 4.77 -11.00
N GLU A 64 -12.89 4.36 -10.42
CA GLU A 64 -12.52 4.97 -9.16
C GLU A 64 -12.14 6.44 -9.31
N ASP A 65 -12.55 7.19 -8.30
CA ASP A 65 -12.52 8.64 -8.30
C ASP A 65 -11.36 9.04 -7.39
N PRO A 66 -10.39 9.81 -7.92
CA PRO A 66 -9.24 10.20 -7.09
C PRO A 66 -9.63 10.93 -5.80
N TRP A 67 -10.57 11.87 -5.84
CA TRP A 67 -10.95 12.59 -4.61
C TRP A 67 -11.62 11.66 -3.57
N GLU A 68 -12.41 10.70 -4.06
CA GLU A 68 -13.06 9.75 -3.18
C GLU A 68 -12.06 8.86 -2.47
N GLN A 69 -11.08 8.34 -3.22
CA GLN A 69 -10.10 7.45 -2.62
C GLN A 69 -9.21 8.26 -1.68
N HIS A 70 -8.91 9.50 -2.07
CA HIS A 70 -8.16 10.39 -1.20
C HIS A 70 -8.88 10.56 0.14
N ALA A 71 -10.20 10.72 0.11
CA ALA A 71 -10.97 10.93 1.35
C ALA A 71 -11.21 9.66 2.16
N LYS A 72 -11.29 8.53 1.45
CA LYS A 72 -11.53 7.25 2.09
C LYS A 72 -10.30 6.89 2.90
N TRP A 73 -9.13 6.99 2.28
CA TRP A 73 -7.93 6.51 2.96
C TRP A 73 -7.20 7.53 3.83
N TYR A 74 -7.36 8.81 3.52
CA TYR A 74 -6.62 9.84 4.26
C TYR A 74 -7.52 11.03 4.60
N PRO A 75 -8.54 10.79 5.42
CA PRO A 75 -9.56 11.82 5.66
C PRO A 75 -8.98 13.01 6.43
N GLY A 76 -7.85 12.82 7.11
CA GLY A 76 -7.22 13.89 7.85
C GLY A 76 -6.32 14.80 7.01
N CYS A 77 -6.33 14.64 5.69
CA CYS A 77 -5.48 15.48 4.84
C CYS A 77 -5.98 16.92 4.74
N LYS A 78 -5.10 17.88 4.98
CA LYS A 78 -5.50 19.30 5.02
C LYS A 78 -5.78 19.87 3.64
N TYR A 79 -5.04 19.40 2.64
CA TYR A 79 -5.28 19.76 1.25
C TYR A 79 -6.65 19.25 0.79
N LEU A 80 -6.90 17.97 1.06
CA LEU A 80 -8.21 17.37 0.80
C LEU A 80 -9.32 18.20 1.43
N LEU A 81 -9.14 18.57 2.69
CA LEU A 81 -10.15 19.38 3.38
C LEU A 81 -10.37 20.75 2.73
N GLU A 82 -9.27 21.43 2.42
CA GLU A 82 -9.32 22.76 1.83
C GLU A 82 -10.11 22.70 0.51
N GLN A 83 -9.89 21.65 -0.27
CA GLN A 83 -10.55 21.53 -1.59
C GLN A 83 -11.99 21.02 -1.56
N LYS A 84 -12.22 19.99 -0.76
CA LYS A 84 -13.45 19.19 -0.78
C LYS A 84 -14.42 19.49 0.37
N GLY A 85 -13.89 19.90 1.52
CA GLY A 85 -14.75 20.17 2.65
C GLY A 85 -15.10 18.96 3.51
N GLN A 86 -15.53 19.26 4.73
CA GLN A 86 -15.80 18.26 5.75
C GLN A 86 -17.03 17.41 5.43
N GLU A 87 -18.05 18.05 4.84
CA GLU A 87 -19.26 17.36 4.46
C GLU A 87 -18.93 16.20 3.51
N TYR A 88 -18.12 16.50 2.51
CA TYR A 88 -17.72 15.51 1.52
C TYR A 88 -16.90 14.41 2.15
N ILE A 89 -15.92 14.78 2.96
CA ILE A 89 -15.12 13.71 3.59
C ILE A 89 -15.98 12.75 4.43
N ASN A 90 -16.83 13.33 5.26
CA ASN A 90 -17.70 12.53 6.11
C ASN A 90 -18.67 11.67 5.31
N ASN A 91 -19.21 12.21 4.23
CA ASN A 91 -20.15 11.45 3.41
C ASN A 91 -19.45 10.29 2.69
N ILE A 92 -18.21 10.51 2.30
CA ILE A 92 -17.41 9.42 1.73
C ILE A 92 -17.32 8.31 2.76
N HIS A 93 -17.03 8.67 3.99
CA HIS A 93 -16.97 7.63 5.02
C HIS A 93 -18.31 6.99 5.44
N LEU A 94 -19.43 7.69 5.23
CA LEU A 94 -20.74 7.11 5.46
C LEU A 94 -21.19 6.20 4.32
N THR A 95 -20.56 6.32 3.16
CA THR A 95 -20.96 5.50 2.01
C THR A 95 -19.91 4.50 1.53
N HIS A 96 -18.73 4.50 2.15
CA HIS A 96 -17.64 3.61 1.76
C HIS A 96 -17.11 2.78 2.93
N SER A 97 -16.53 1.62 2.62
CA SER A 97 -15.93 0.75 3.63
C SER A 97 -14.52 0.36 3.21
N LEU A 98 -13.59 0.33 4.17
CA LEU A 98 -12.18 0.08 3.89
C LEU A 98 -11.81 -1.40 4.02
N ALA B 1 12.07 -0.16 5.00
CA ALA B 1 12.47 -1.41 4.36
C ALA B 1 13.60 -2.08 5.13
N ASP B 2 13.32 -3.26 5.71
CA ASP B 2 14.34 -3.96 6.49
C ASP B 2 14.95 -5.18 5.81
N SER B 3 16.24 -5.11 5.50
CA SER B 3 16.95 -6.24 4.88
C SER B 3 18.04 -6.75 5.82
N HIS B 4 18.04 -6.17 7.02
CA HIS B 4 18.94 -6.47 8.13
C HIS B 4 18.59 -7.85 8.66
N MET B 5 19.50 -8.42 9.46
CA MET B 5 19.27 -9.73 10.09
C MET B 5 18.30 -9.65 11.25
N LEU B 6 18.13 -8.45 11.81
CA LEU B 6 17.23 -8.24 12.93
C LEU B 6 15.80 -8.03 12.43
N PRO B 7 14.85 -8.83 12.92
CA PRO B 7 13.46 -8.58 12.54
C PRO B 7 13.03 -7.17 12.94
N ARG B 8 12.26 -6.52 12.07
CA ARG B 8 11.67 -5.22 12.41
C ARG B 8 10.70 -5.33 13.59
N ASN B 9 9.95 -6.41 13.62
CA ASN B 9 9.02 -6.63 14.71
C ASN B 9 9.27 -8.00 15.30
N PRO B 10 10.33 -8.11 16.12
CA PRO B 10 10.75 -9.38 16.70
C PRO B 10 9.61 -10.09 17.43
N SER B 11 8.67 -9.32 17.96
CA SER B 11 7.60 -9.92 18.74
C SER B 11 6.67 -10.76 17.88
N MET B 12 6.61 -10.45 16.58
CA MET B 12 5.82 -11.26 15.66
C MET B 12 6.65 -12.40 15.03
N ALA B 13 7.89 -12.58 15.47
CA ALA B 13 8.63 -13.78 15.03
C ALA B 13 7.98 -15.05 15.59
N ASP B 14 7.36 -14.94 16.76
CA ASP B 14 6.65 -16.08 17.36
C ASP B 14 5.45 -16.46 16.49
N TYR B 15 5.36 -17.75 16.13
CA TYR B 15 4.34 -18.21 15.19
C TYR B 15 2.91 -18.15 15.77
N GLU B 16 2.76 -18.53 17.03
CA GLU B 16 1.47 -18.40 17.71
C GLU B 16 0.94 -16.98 17.64
N ALA B 17 1.85 -16.02 17.83
CA ALA B 17 1.48 -14.61 17.75
C ALA B 17 0.94 -14.22 16.37
N ARG B 18 1.62 -14.66 15.31
CA ARG B 18 1.16 -14.35 13.95
C ARG B 18 -0.17 -15.02 13.63
N ILE B 19 -0.25 -16.32 13.89
CA ILE B 19 -1.48 -17.07 13.65
C ILE B 19 -2.68 -16.51 14.44
N PHE B 20 -2.41 -15.92 15.60
CA PHE B 20 -3.45 -15.32 16.43
C PHE B 20 -4.20 -14.23 15.66
N THR B 21 -3.45 -13.40 14.96
CA THR B 21 -4.03 -12.28 14.23
C THR B 21 -4.98 -12.74 13.13
N PHE B 22 -4.87 -14.01 12.74
CA PHE B 22 -5.77 -14.59 11.74
C PHE B 22 -6.87 -15.43 12.37
N GLY B 23 -7.19 -15.15 13.64
CA GLY B 23 -8.21 -15.90 14.37
C GLY B 23 -9.47 -16.07 13.55
N THR B 24 -9.83 -15.01 12.83
CA THR B 24 -10.82 -15.08 11.77
C THR B 24 -10.14 -14.39 10.59
N TRP B 25 -10.64 -14.63 9.38
CA TRP B 25 -10.00 -14.08 8.19
C TRP B 25 -10.92 -14.34 7.00
N ILE B 26 -11.56 -13.29 6.48
CA ILE B 26 -12.61 -13.51 5.48
C ILE B 26 -12.10 -13.59 4.03
N TYR B 27 -10.85 -13.18 3.82
CA TYR B 27 -10.31 -13.00 2.48
C TYR B 27 -9.79 -14.30 1.87
N SER B 28 -9.49 -14.28 0.58
CA SER B 28 -9.32 -15.53 -0.16
C SER B 28 -8.13 -16.37 0.28
N VAL B 29 -6.95 -15.76 0.23
CA VAL B 29 -5.68 -16.43 0.51
C VAL B 29 -5.64 -17.14 1.88
N ASN B 30 -5.03 -18.32 1.93
CA ASN B 30 -5.05 -19.13 3.15
C ASN B 30 -4.23 -18.51 4.28
N LYS B 31 -4.80 -18.48 5.48
CA LYS B 31 -4.13 -17.81 6.61
C LYS B 31 -2.90 -18.56 7.12
N GLU B 32 -2.87 -19.89 6.98
CA GLU B 32 -1.68 -20.66 7.36
C GLU B 32 -0.51 -20.38 6.42
N GLN B 33 -0.79 -20.28 5.12
CA GLN B 33 0.23 -19.86 4.16
C GLN B 33 0.74 -18.46 4.49
N LEU B 34 -0.19 -17.56 4.78
CA LEU B 34 0.16 -16.17 5.07
C LEU B 34 1.05 -16.10 6.30
N ALA B 35 0.69 -16.84 7.35
CA ALA B 35 1.45 -16.82 8.59
C ALA B 35 2.84 -17.45 8.44
N ARG B 36 2.92 -18.57 7.73
CA ARG B 36 4.21 -19.20 7.46
C ARG B 36 5.12 -18.27 6.64
N ALA B 37 4.53 -17.56 5.68
CA ALA B 37 5.29 -16.63 4.87
C ALA B 37 5.76 -15.41 5.66
N GLY B 38 5.44 -15.39 6.96
CA GLY B 38 5.95 -14.36 7.87
C GLY B 38 5.01 -13.21 8.16
N PHE B 39 3.79 -13.26 7.62
CA PHE B 39 2.86 -12.15 7.78
C PHE B 39 1.99 -12.26 9.02
N TYR B 40 1.56 -11.11 9.55
CA TYR B 40 0.48 -11.06 10.55
C TYR B 40 -0.52 -10.00 10.08
N ALA B 41 -1.79 -10.15 10.46
CA ALA B 41 -2.84 -9.24 10.01
C ALA B 41 -2.93 -7.98 10.89
N LEU B 42 -3.02 -6.82 10.27
CA LEU B 42 -3.11 -5.57 11.01
C LEU B 42 -4.48 -5.39 11.70
N GLY B 43 -5.49 -6.06 11.17
CA GLY B 43 -6.83 -5.84 11.65
C GLY B 43 -7.48 -4.68 10.94
N GLU B 44 -7.02 -4.41 9.72
CA GLU B 44 -7.57 -3.34 8.91
C GLU B 44 -7.67 -3.85 7.48
N GLY B 45 -8.88 -4.21 7.06
CA GLY B 45 -9.09 -4.86 5.78
C GLY B 45 -8.24 -6.11 5.72
N ASP B 46 -7.64 -6.36 4.56
CA ASP B 46 -6.77 -7.51 4.38
C ASP B 46 -5.29 -7.15 4.50
N LYS B 47 -5.00 -6.01 5.12
CA LYS B 47 -3.62 -5.62 5.36
C LYS B 47 -2.89 -6.61 6.25
N VAL B 48 -1.73 -7.07 5.79
CA VAL B 48 -0.83 -7.84 6.61
C VAL B 48 0.55 -7.21 6.51
N LYS B 49 1.42 -7.53 7.45
CA LYS B 49 2.81 -7.09 7.36
C LYS B 49 3.72 -8.26 7.72
N CYS B 50 4.92 -8.27 7.13
CA CYS B 50 5.94 -9.25 7.49
C CYS B 50 6.62 -8.86 8.79
N PHE B 51 6.83 -9.83 9.67
CA PHE B 51 7.42 -9.56 10.96
C PHE B 51 8.88 -9.13 10.81
N HIS B 52 9.52 -9.63 9.77
CA HIS B 52 10.95 -9.41 9.62
C HIS B 52 11.30 -8.12 8.85
N CYS B 53 10.82 -8.03 7.61
CA CYS B 53 11.12 -6.87 6.76
C CYS B 53 10.14 -5.72 6.99
N GLY B 54 9.03 -5.99 7.65
CA GLY B 54 8.02 -4.97 7.89
C GLY B 54 7.26 -4.64 6.61
N GLY B 55 7.50 -5.42 5.57
CA GLY B 55 6.82 -5.23 4.30
C GLY B 55 5.33 -5.56 4.38
N GLY B 56 4.50 -4.64 3.90
CA GLY B 56 3.07 -4.86 3.98
C GLY B 56 2.47 -5.23 2.63
N LEU B 57 1.44 -6.06 2.68
CA LEU B 57 0.72 -6.44 1.48
C LEU B 57 -0.76 -6.35 1.77
N THR B 58 -1.52 -5.89 0.78
CA THR B 58 -2.95 -5.74 0.90
C THR B 58 -3.56 -5.86 -0.50
N ASP B 59 -4.89 -5.90 -0.59
CA ASP B 59 -5.59 -6.16 -1.85
C ASP B 59 -5.26 -7.53 -2.46
N TRP B 60 -5.32 -8.58 -1.64
CA TRP B 60 -5.05 -9.92 -2.15
C TRP B 60 -6.11 -10.31 -3.15
N LYS B 61 -5.71 -10.97 -4.22
CA LYS B 61 -6.67 -11.48 -5.19
C LYS B 61 -6.66 -13.02 -5.13
N PRO B 62 -7.81 -13.65 -5.44
CA PRO B 62 -7.91 -15.10 -5.53
C PRO B 62 -6.74 -15.70 -6.31
N SER B 63 -6.22 -16.84 -5.85
CA SER B 63 -5.07 -17.56 -6.45
C SER B 63 -3.70 -17.03 -6.04
N GLU B 64 -3.64 -15.83 -5.51
CA GLU B 64 -2.35 -15.25 -5.18
C GLU B 64 -1.65 -16.02 -4.07
N ASP B 65 -0.33 -16.06 -4.18
CA ASP B 65 0.50 -16.93 -3.37
C ASP B 65 1.27 -16.03 -2.44
N PRO B 66 1.13 -16.23 -1.11
CA PRO B 66 1.80 -15.36 -0.15
C PRO B 66 3.31 -15.29 -0.32
N TRP B 67 3.98 -16.42 -0.53
CA TRP B 67 5.43 -16.40 -0.72
C TRP B 67 5.82 -15.67 -2.01
N GLU B 68 5.02 -15.88 -3.06
CA GLU B 68 5.26 -15.20 -4.33
C GLU B 68 5.15 -13.68 -4.18
N GLN B 69 4.12 -13.21 -3.49
CA GLN B 69 3.91 -11.78 -3.34
C GLN B 69 4.97 -11.19 -2.42
N HIS B 70 5.34 -11.97 -1.42
CA HIS B 70 6.41 -11.59 -0.52
C HIS B 70 7.70 -11.37 -1.30
N ALA B 71 8.02 -12.29 -2.21
CA ALA B 71 9.28 -12.17 -2.96
C ALA B 71 9.20 -11.08 -4.02
N LYS B 72 8.02 -10.89 -4.58
CA LYS B 72 7.79 -9.90 -5.61
C LYS B 72 8.05 -8.50 -5.06
N TRP B 73 7.43 -8.19 -3.94
CA TRP B 73 7.47 -6.83 -3.44
C TRP B 73 8.64 -6.53 -2.50
N TYR B 74 9.11 -7.55 -1.80
CA TYR B 74 10.19 -7.38 -0.82
C TYR B 74 11.29 -8.42 -0.98
N PRO B 75 12.03 -8.34 -2.09
CA PRO B 75 13.04 -9.36 -2.40
C PRO B 75 14.18 -9.37 -1.38
N GLY B 76 14.41 -8.23 -0.73
CA GLY B 76 15.50 -8.11 0.22
C GLY B 76 15.21 -8.63 1.63
N CYS B 77 14.06 -9.26 1.84
CA CYS B 77 13.70 -9.74 3.18
C CYS B 77 14.53 -10.96 3.58
N LYS B 78 15.11 -10.95 4.77
CA LYS B 78 16.01 -12.03 5.17
C LYS B 78 15.25 -13.28 5.58
N TYR B 79 14.06 -13.10 6.16
CA TYR B 79 13.20 -14.25 6.48
C TYR B 79 12.79 -14.97 5.19
N LEU B 80 12.36 -14.20 4.21
CA LEU B 80 12.04 -14.70 2.88
C LEU B 80 13.21 -15.50 2.31
N LEU B 81 14.41 -14.94 2.42
CA LEU B 81 15.60 -15.59 1.90
C LEU B 81 15.90 -16.90 2.63
N GLU B 82 15.85 -16.88 3.95
CA GLU B 82 16.18 -18.07 4.74
C GLU B 82 15.21 -19.20 4.39
N GLN B 83 13.94 -18.85 4.16
CA GLN B 83 12.94 -19.91 3.89
C GLN B 83 12.92 -20.38 2.44
N LYS B 84 13.01 -19.45 1.50
CA LYS B 84 12.77 -19.77 0.10
C LYS B 84 14.00 -19.78 -0.80
N GLY B 85 15.07 -19.14 -0.38
CA GLY B 85 16.28 -19.12 -1.18
C GLY B 85 16.31 -18.12 -2.33
N GLN B 86 17.54 -17.82 -2.74
CA GLN B 86 17.81 -16.82 -3.77
C GLN B 86 17.27 -17.21 -5.14
N GLU B 87 17.33 -18.50 -5.44
CA GLU B 87 16.88 -18.99 -6.74
C GLU B 87 15.39 -18.70 -6.91
N TYR B 88 14.61 -19.02 -5.87
CA TYR B 88 13.18 -18.71 -5.85
C TYR B 88 12.93 -17.22 -5.99
N ILE B 89 13.61 -16.40 -5.19
CA ILE B 89 13.39 -14.95 -5.30
C ILE B 89 13.66 -14.40 -6.72
N ASN B 90 14.81 -14.74 -7.25
CA ASN B 90 15.17 -14.32 -8.60
C ASN B 90 14.16 -14.80 -9.65
N ASN B 91 13.69 -16.05 -9.53
CA ASN B 91 12.77 -16.59 -10.54
C ASN B 91 11.42 -15.89 -10.47
N ILE B 92 11.02 -15.54 -9.24
CA ILE B 92 9.81 -14.74 -9.06
C ILE B 92 9.99 -13.46 -9.86
N HIS B 93 11.14 -12.82 -9.69
CA HIS B 93 11.32 -11.58 -10.42
C HIS B 93 11.42 -11.71 -11.93
N LEU B 94 11.91 -12.85 -12.41
CA LEU B 94 11.98 -13.09 -13.84
C LEU B 94 10.63 -13.42 -14.46
N THR B 95 9.66 -13.84 -13.66
CA THR B 95 8.35 -14.19 -14.21
C THR B 95 7.20 -13.27 -13.78
N HIS B 96 7.52 -12.23 -13.01
CA HIS B 96 6.51 -11.27 -12.56
C HIS B 96 6.94 -9.83 -12.86
N SER B 97 5.96 -8.92 -12.90
CA SER B 97 6.22 -7.50 -13.12
C SER B 97 5.46 -6.66 -12.09
N LEU B 98 6.12 -5.64 -11.55
CA LEU B 98 5.55 -4.81 -10.49
C LEU B 98 4.46 -3.89 -11.01
ZN ZN C . -3.56 14.22 1.04
ZN ZN D . 9.59 -10.01 4.83
C0 GT6 E . -8.95 -0.07 -4.99
N1 GT6 E . -8.68 1.36 -4.96
CA1 GT6 E . -7.33 1.78 -4.62
C1 GT6 E . -7.06 1.51 -3.18
N2 GT6 E . -5.78 1.49 -2.81
CA2 GT6 E . -5.38 1.20 -1.44
C2 GT6 E . -3.99 1.74 -1.25
N3 GT6 E . -3.48 1.88 -0.04
O1 GT6 E . -7.98 1.30 -2.40
O2 GT6 E . -3.38 2.08 -2.26
CD3 GT6 E . -4.13 1.69 1.27
CG3 GT6 E . -3.38 2.71 2.13
CB3 GT6 E . -1.96 2.60 1.62
CA3 GT6 E . -2.10 2.38 0.11
CB4 GT6 E . -1.16 1.28 -0.37
CG4 GT6 E . 0.29 1.72 -0.28
CD2 GT6 E . 0.98 2.62 -1.08
CE2 GT6 E . 2.30 2.72 -0.63
NE1 GT6 E . 2.48 1.90 0.44
CD1 GT6 E . 1.27 1.33 0.63
CZ2 GT6 E . 3.17 3.56 -1.30
CH2 GT6 E . 2.72 4.30 -2.40
CZ3 GT6 E . 1.40 4.20 -2.84
CE3 GT6 E . 0.51 3.35 -2.18
F GT6 E . 3.59 5.11 -3.01
CB1 GT6 E . -7.09 3.27 -4.92
CB2 GT6 E . -5.42 -0.31 -1.21
CG2 GT6 E . -4.32 -1.00 -1.99
OG3 GT6 E . -3.45 2.44 3.55
C0B GT6 E . -2.43 -7.92 -6.10
N1B GT6 E . -1.66 -8.57 -5.05
CA6 GT6 E . -1.42 -7.80 -3.84
C1B GT6 E . -0.44 -6.69 -4.09
N2B GT6 E . -0.41 -5.75 -3.17
CA7 GT6 E . 0.39 -4.54 -3.31
C2B GT6 E . 0.65 -4.02 -1.92
N3B GT6 E . 1.63 -3.14 -1.71
O1B GT6 E . 0.27 -6.69 -5.08
O2B GT6 E . -0.04 -4.47 -1.02
CD8 GT6 E . 2.65 -2.66 -2.65
CG8 GT6 E . 3.83 -2.40 -1.71
CB8 GT6 E . 3.15 -1.79 -0.49
CA8 GT6 E . 1.83 -2.56 -0.36
CB9 GT6 E . 0.67 -1.61 -0.07
CG9 GT6 E . 0.73 -0.99 1.31
CD7 GT6 E . 0.50 -1.58 2.55
CE7 GT6 E . 0.64 -0.62 3.57
NE6 GT6 E . 0.95 0.58 3.01
CD6 GT6 E . 0.98 0.32 1.68
CZ7 GT6 E . 0.46 -1.03 4.89
CH7 GT6 E . 0.15 -2.36 5.17
CZ8 GT6 E . 0.01 -3.29 4.15
CE8 GT6 E . 0.19 -2.91 2.82
FB GT6 E . -0.02 -2.73 6.45
CB6 GT6 E . -0.93 -8.66 -2.67
CB7 GT6 E . -0.34 -3.52 -4.17
CG7 GT6 E . -1.52 -2.95 -3.42
OG8 GT6 E . 4.81 -1.49 -2.26
#